data_2IMR
#
_entry.id   2IMR
#
_cell.length_a   113.830
_cell.length_b   71.300
_cell.length_c   51.340
_cell.angle_alpha   90.00
_cell.angle_beta   115.20
_cell.angle_gamma   90.00
#
_symmetry.space_group_name_H-M   'C 1 2 1'
#
loop_
_entity.id
_entity.type
_entity.pdbx_description
1 polymer 'Hypothetical protein DR_0824'
2 non-polymer 'ZINC ION'
3 water water
#
_entity_poly.entity_id   1
_entity_poly.type   'polypeptide(L)'
_entity_poly.pdbx_seq_one_letter_code
;SLLRFSAVSRHHRGASIDPMTFSEATTPDALTPDAHTPRLLTCDVLYTGMGGAQSPGGVVVVGETVAAAGHPDELRRQYP
HAAEERAGAVIAPPPVNAHTHLDMSAYEFQALPYFQWIPEVVIRGRHLRGVAAAQAGADTLTRLGAGGVGDIVWAPEVMD
ALLAREDLSGTLYFEVLNPFPDKADEVFAAARTHLERWRRLERPGLRLGLSPHTPFTVSHRLMRLLSDYAAGEGLPLQIH
VAEHPTELEMFRTGGGPLWDNRMPALYPHTLAEVIGREPGPDLTPVRYLDELGVLAARPTLVHMVNVTPDDIARVARAGC
AVVTCPRSNHHLECGTFDWPAFAAAGVEVALGTDSVASGETLNVREEVTFARQLYPGLDPRVLVRAAVKGGQRVVGGRTP
FLRRGETWQEGFRWELSRDL
;
_entity_poly.pdbx_strand_id   A
#
loop_
_chem_comp.id
_chem_comp.type
_chem_comp.name
_chem_comp.formula
ZN non-polymer 'ZINC ION' 'Zn 2'
#
# COMPACT_ATOMS: atom_id res chain seq x y z
N HIS A 36 -34.94 -25.54 3.33
CA HIS A 36 -35.03 -24.40 2.38
C HIS A 36 -34.43 -24.82 1.04
N THR A 37 -33.79 -23.90 0.34
CA THR A 37 -33.20 -24.22 -0.96
C THR A 37 -31.79 -23.63 -1.11
N PRO A 38 -30.76 -24.47 -0.93
CA PRO A 38 -29.37 -24.03 -1.06
C PRO A 38 -29.00 -23.60 -2.47
N ARG A 39 -28.12 -22.61 -2.57
CA ARG A 39 -27.65 -22.13 -3.86
C ARG A 39 -26.13 -22.26 -3.83
N LEU A 40 -25.58 -22.83 -4.90
CA LEU A 40 -24.14 -23.00 -5.00
C LEU A 40 -23.54 -21.97 -5.93
N LEU A 41 -22.87 -20.98 -5.35
CA LEU A 41 -22.24 -19.94 -6.14
C LEU A 41 -20.80 -20.34 -6.37
N THR A 42 -20.39 -20.47 -7.63
CA THR A 42 -19.02 -20.85 -7.94
C THR A 42 -18.19 -19.68 -8.45
N CYS A 43 -16.89 -19.72 -8.16
CA CYS A 43 -15.98 -18.67 -8.59
C CYS A 43 -14.63 -19.26 -8.96
N ASP A 44 -13.73 -18.43 -9.48
CA ASP A 44 -12.41 -18.91 -9.85
C ASP A 44 -11.50 -18.91 -8.65
N VAL A 45 -11.65 -17.92 -7.79
CA VAL A 45 -10.84 -17.82 -6.59
C VAL A 45 -11.70 -17.39 -5.40
N LEU A 46 -11.64 -18.20 -4.35
CA LEU A 46 -12.39 -17.92 -3.13
C LEU A 46 -11.47 -17.67 -1.95
N TYR A 47 -11.77 -16.63 -1.18
CA TYR A 47 -10.99 -16.35 0.02
C TYR A 47 -11.96 -16.13 1.17
N THR A 48 -11.87 -16.99 2.18
CA THR A 48 -12.76 -16.92 3.34
C THR A 48 -12.25 -16.00 4.45
N GLY A 52 -5.71 -18.41 3.85
CA GLY A 52 -5.38 -19.08 2.59
C GLY A 52 -6.57 -19.05 1.62
N ALA A 53 -6.29 -18.72 0.37
CA ALA A 53 -7.33 -18.67 -0.67
C ALA A 53 -7.46 -20.04 -1.32
N GLN A 54 -8.59 -20.27 -2.01
CA GLN A 54 -8.87 -21.54 -2.65
C GLN A 54 -9.32 -21.35 -4.09
N SER A 55 -8.90 -22.26 -4.97
CA SER A 55 -9.26 -22.17 -6.38
C SER A 55 -9.26 -23.53 -7.07
N PRO A 56 -10.38 -23.89 -7.73
CA PRO A 56 -11.62 -23.12 -7.84
C PRO A 56 -12.30 -22.95 -6.49
N GLY A 57 -13.34 -22.13 -6.43
CA GLY A 57 -14.04 -21.92 -5.17
C GLY A 57 -15.55 -21.94 -5.29
N GLY A 58 -16.21 -21.99 -4.14
CA GLY A 58 -17.66 -22.02 -4.12
C GLY A 58 -18.20 -21.69 -2.75
N VAL A 59 -19.45 -21.24 -2.71
CA VAL A 59 -20.11 -20.90 -1.47
C VAL A 59 -21.56 -21.33 -1.55
N VAL A 60 -22.01 -22.12 -0.59
CA VAL A 60 -23.41 -22.54 -0.62
C VAL A 60 -24.17 -21.60 0.29
N VAL A 61 -25.21 -20.98 -0.25
CA VAL A 61 -26.00 -20.04 0.50
C VAL A 61 -27.42 -20.54 0.67
N VAL A 62 -27.96 -20.40 1.87
CA VAL A 62 -29.32 -20.80 2.16
C VAL A 62 -30.00 -19.53 2.64
N GLY A 63 -30.89 -18.99 1.81
CA GLY A 63 -31.55 -17.75 2.17
C GLY A 63 -30.53 -16.63 2.03
N GLU A 64 -30.16 -16.01 3.15
CA GLU A 64 -29.16 -14.95 3.15
C GLU A 64 -28.01 -15.35 4.06
N THR A 65 -27.91 -16.65 4.32
CA THR A 65 -26.88 -17.18 5.20
C THR A 65 -25.95 -18.18 4.53
N VAL A 66 -24.66 -18.08 4.82
CA VAL A 66 -23.68 -18.99 4.25
C VAL A 66 -23.81 -20.37 4.91
N ALA A 67 -23.99 -21.40 4.08
CA ALA A 67 -24.11 -22.75 4.62
C ALA A 67 -22.73 -23.37 4.72
N ALA A 68 -21.92 -23.12 3.71
CA ALA A 68 -20.56 -23.66 3.68
C ALA A 68 -19.75 -22.93 2.63
N ALA A 69 -18.43 -22.94 2.80
CA ALA A 69 -17.53 -22.28 1.86
C ALA A 69 -16.27 -23.10 1.75
N GLY A 70 -15.91 -23.47 0.53
CA GLY A 70 -14.71 -24.26 0.29
C GLY A 70 -14.62 -24.65 -1.17
N HIS A 71 -14.08 -25.83 -1.43
CA HIS A 71 -13.95 -26.30 -2.80
C HIS A 71 -15.34 -26.67 -3.31
N PRO A 72 -15.65 -26.31 -4.57
CA PRO A 72 -16.94 -26.58 -5.21
C PRO A 72 -17.36 -28.04 -5.36
N ASP A 73 -16.41 -28.92 -5.73
CA ASP A 73 -16.76 -30.32 -5.89
C ASP A 73 -17.23 -30.89 -4.57
N GLU A 74 -16.57 -30.48 -3.48
CA GLU A 74 -16.99 -30.93 -2.16
C GLU A 74 -18.45 -30.53 -1.97
N LEU A 75 -18.79 -29.32 -2.41
CA LEU A 75 -20.14 -28.78 -2.27
C LEU A 75 -21.20 -29.45 -3.14
N ARG A 76 -20.88 -29.71 -4.40
CA ARG A 76 -21.84 -30.35 -5.29
C ARG A 76 -22.16 -31.74 -4.76
N ARG A 77 -21.24 -32.28 -3.96
CA ARG A 77 -21.42 -33.61 -3.38
C ARG A 77 -22.18 -33.52 -2.06
N GLN A 78 -22.06 -32.39 -1.38
CA GLN A 78 -22.74 -32.18 -0.11
C GLN A 78 -24.14 -31.63 -0.31
N TYR A 79 -24.35 -30.93 -1.43
CA TYR A 79 -25.66 -30.36 -1.75
C TYR A 79 -25.98 -30.68 -3.21
N PRO A 80 -26.44 -31.90 -3.49
CA PRO A 80 -26.79 -32.33 -4.86
C PRO A 80 -28.01 -31.65 -5.47
N HIS A 81 -28.89 -31.12 -4.62
CA HIS A 81 -30.09 -30.45 -5.12
C HIS A 81 -29.92 -28.94 -5.24
N ALA A 82 -28.77 -28.44 -4.80
CA ALA A 82 -28.49 -27.01 -4.86
C ALA A 82 -28.31 -26.56 -6.30
N ALA A 83 -29.00 -25.49 -6.68
CA ALA A 83 -28.89 -24.95 -8.02
C ALA A 83 -27.56 -24.20 -8.10
N GLU A 84 -26.88 -24.30 -9.23
CA GLU A 84 -25.60 -23.61 -9.38
C GLU A 84 -25.72 -22.25 -10.03
N GLU A 85 -24.81 -21.37 -9.65
CA GLU A 85 -24.73 -20.00 -10.16
C GLU A 85 -23.27 -19.65 -10.37
N ARG A 86 -22.92 -19.19 -11.55
CA ARG A 86 -21.55 -18.76 -11.83
C ARG A 86 -21.45 -17.37 -11.21
N ALA A 87 -20.65 -17.23 -10.17
CA ALA A 87 -20.55 -15.95 -9.47
C ALA A 87 -19.36 -15.05 -9.83
N GLY A 88 -18.69 -15.33 -10.94
CA GLY A 88 -17.57 -14.50 -11.33
C GLY A 88 -16.21 -15.03 -10.94
N ALA A 89 -15.19 -14.20 -11.11
CA ALA A 89 -13.82 -14.61 -10.80
C ALA A 89 -13.49 -14.69 -9.32
N VAL A 90 -13.91 -13.71 -8.54
CA VAL A 90 -13.57 -13.70 -7.14
C VAL A 90 -14.70 -13.51 -6.13
N ILE A 91 -14.64 -14.32 -5.08
CA ILE A 91 -15.57 -14.21 -3.97
C ILE A 91 -14.67 -14.08 -2.77
N ALA A 92 -14.74 -12.93 -2.10
CA ALA A 92 -13.90 -12.67 -0.93
C ALA A 92 -14.30 -11.35 -0.27
N PRO A 93 -13.86 -11.14 0.97
CA PRO A 93 -14.20 -9.89 1.66
C PRO A 93 -13.68 -8.73 0.81
N PRO A 94 -14.21 -7.52 1.01
CA PRO A 94 -13.73 -6.38 0.23
C PRO A 94 -12.23 -6.20 0.46
N PRO A 95 -11.46 -5.97 -0.61
CA PRO A 95 -10.02 -5.79 -0.48
C PRO A 95 -9.59 -4.51 0.23
N VAL A 96 -8.40 -4.57 0.81
CA VAL A 96 -7.82 -3.43 1.50
C VAL A 96 -6.94 -2.67 0.52
N ASN A 97 -7.05 -1.34 0.53
CA ASN A 97 -6.21 -0.53 -0.33
C ASN A 97 -5.12 -0.10 0.63
N ALA A 98 -4.04 -0.89 0.66
CA ALA A 98 -2.93 -0.69 1.57
C ALA A 98 -2.03 0.52 1.34
N HIS A 99 -2.22 1.21 0.22
CA HIS A 99 -1.43 2.40 -0.04
C HIS A 99 -2.05 3.33 -1.05
N THR A 100 -2.36 4.54 -0.61
CA THR A 100 -2.89 5.56 -1.49
C THR A 100 -2.64 6.92 -0.84
N HIS A 101 -2.93 7.98 -1.59
CA HIS A 101 -2.80 9.34 -1.09
C HIS A 101 -4.13 10.00 -1.44
N LEU A 102 -4.93 10.36 -0.44
CA LEU A 102 -6.21 11.01 -0.71
C LEU A 102 -5.99 12.52 -0.86
N ASP A 103 -4.84 12.99 -0.38
CA ASP A 103 -4.46 14.39 -0.53
C ASP A 103 -2.95 14.38 -0.74
N MET A 104 -2.47 15.29 -1.58
CA MET A 104 -1.03 15.38 -1.87
C MET A 104 -0.60 16.84 -1.94
N SER A 105 0.69 17.05 -2.21
CA SER A 105 1.23 18.39 -2.30
C SER A 105 2.03 18.57 -3.58
N ALA A 106 2.06 19.80 -4.08
CA ALA A 106 2.82 20.09 -5.29
C ALA A 106 4.29 19.81 -4.91
N TYR A 107 4.59 19.97 -3.63
CA TYR A 107 5.95 19.75 -3.13
C TYR A 107 6.45 18.33 -3.37
N GLU A 108 5.62 17.33 -3.08
CA GLU A 108 6.09 15.96 -3.30
C GLU A 108 6.20 15.60 -4.78
N PHE A 109 5.46 16.32 -5.63
CA PHE A 109 5.52 16.10 -7.08
C PHE A 109 6.82 16.73 -7.58
N GLN A 110 7.09 17.94 -7.12
CA GLN A 110 8.28 18.68 -7.52
C GLN A 110 9.56 17.97 -7.09
N ALA A 111 9.51 17.28 -5.95
CA ALA A 111 10.67 16.58 -5.43
C ALA A 111 11.05 15.33 -6.23
N LEU A 112 10.09 14.76 -6.95
CA LEU A 112 10.33 13.55 -7.72
C LEU A 112 10.30 13.77 -9.24
N PRO A 113 11.49 13.89 -9.86
CA PRO A 113 11.65 14.12 -11.30
C PRO A 113 10.85 13.21 -12.22
N TYR A 114 10.84 11.91 -11.94
CA TYR A 114 10.13 10.98 -12.80
C TYR A 114 8.62 11.17 -12.84
N PHE A 115 8.06 11.87 -11.86
CA PHE A 115 6.63 12.14 -11.88
C PHE A 115 6.39 13.18 -12.97
N GLN A 116 7.34 14.10 -13.10
CA GLN A 116 7.26 15.16 -14.09
C GLN A 116 7.39 14.63 -15.52
N TRP A 117 8.14 13.54 -15.67
CA TRP A 117 8.35 12.96 -16.99
C TRP A 117 7.07 12.37 -17.58
N ILE A 118 6.05 12.19 -16.73
CA ILE A 118 4.76 11.67 -17.18
C ILE A 118 3.72 12.75 -16.91
N PRO A 119 3.57 13.70 -17.85
CA PRO A 119 2.63 14.83 -17.78
C PRO A 119 1.25 14.51 -17.25
N GLU A 120 0.63 13.46 -17.78
CA GLU A 120 -0.72 13.08 -17.36
C GLU A 120 -0.81 12.87 -15.85
N VAL A 121 0.24 12.33 -15.25
CA VAL A 121 0.23 12.10 -13.80
C VAL A 121 0.23 13.43 -13.05
N VAL A 122 1.07 14.37 -13.47
CA VAL A 122 1.11 15.66 -12.80
C VAL A 122 -0.23 16.35 -12.96
N ILE A 123 -0.78 16.31 -14.17
CA ILE A 123 -2.06 16.93 -14.47
C ILE A 123 -3.17 16.34 -13.61
N ARG A 124 -3.24 15.01 -13.55
CA ARG A 124 -4.27 14.33 -12.76
C ARG A 124 -4.11 14.58 -11.27
N GLY A 125 -2.86 14.80 -10.83
CA GLY A 125 -2.61 15.03 -9.42
C GLY A 125 -2.93 16.40 -8.88
N ARG A 126 -3.07 17.39 -9.75
CA ARG A 126 -3.35 18.75 -9.31
C ARG A 126 -4.60 18.92 -8.43
N HIS A 127 -5.67 18.18 -8.72
CA HIS A 127 -6.88 18.32 -7.92
C HIS A 127 -6.82 17.64 -6.54
N LEU A 128 -5.80 16.80 -6.34
CA LEU A 128 -5.65 16.09 -5.07
C LEU A 128 -5.01 16.96 -4.01
N ARG A 129 -5.70 18.03 -3.65
CA ARG A 129 -5.21 18.97 -2.64
C ARG A 129 -6.33 19.31 -1.68
N GLY A 130 -6.01 19.32 -0.38
CA GLY A 130 -6.99 19.71 0.61
C GLY A 130 -8.09 18.77 1.08
N VAL A 131 -8.81 19.27 2.08
CA VAL A 131 -9.90 18.56 2.73
C VAL A 131 -11.05 18.07 1.85
N ALA A 132 -11.60 18.97 1.04
CA ALA A 132 -12.72 18.61 0.17
C ALA A 132 -12.40 17.40 -0.71
N ALA A 133 -11.28 17.46 -1.41
CA ALA A 133 -10.87 16.37 -2.29
C ALA A 133 -10.59 15.09 -1.49
N ALA A 134 -10.04 15.23 -0.29
CA ALA A 134 -9.74 14.06 0.54
C ALA A 134 -11.03 13.39 1.01
N GLN A 135 -12.00 14.20 1.43
CA GLN A 135 -13.28 13.67 1.90
C GLN A 135 -13.98 12.93 0.78
N ALA A 136 -13.88 13.44 -0.44
CA ALA A 136 -14.51 12.79 -1.59
C ALA A 136 -13.83 11.45 -1.84
N GLY A 137 -12.51 11.39 -1.63
CA GLY A 137 -11.80 10.15 -1.84
C GLY A 137 -12.24 9.12 -0.80
N ALA A 138 -12.37 9.56 0.45
CA ALA A 138 -12.80 8.66 1.50
C ALA A 138 -14.20 8.15 1.18
N ASP A 139 -15.04 9.02 0.63
CA ASP A 139 -16.41 8.62 0.27
C ASP A 139 -16.32 7.49 -0.75
N THR A 140 -15.45 7.64 -1.74
CA THR A 140 -15.26 6.64 -2.78
C THR A 140 -14.85 5.29 -2.18
N LEU A 141 -13.91 5.33 -1.24
CA LEU A 141 -13.45 4.10 -0.59
C LEU A 141 -14.61 3.39 0.09
N THR A 142 -15.48 4.16 0.75
CA THR A 142 -16.62 3.57 1.44
C THR A 142 -17.60 2.96 0.45
N ARG A 143 -17.85 3.65 -0.66
CA ARG A 143 -18.77 3.12 -1.66
C ARG A 143 -18.22 1.85 -2.29
N LEU A 144 -16.90 1.73 -2.31
CA LEU A 144 -16.22 0.56 -2.87
C LEU A 144 -16.20 -0.66 -1.97
N GLY A 145 -16.81 -0.58 -0.79
CA GLY A 145 -16.82 -1.73 0.10
C GLY A 145 -16.34 -1.47 1.52
N ALA A 146 -15.83 -0.27 1.76
CA ALA A 146 -15.34 0.10 3.08
C ALA A 146 -14.25 -0.85 3.56
N GLY A 147 -13.41 -1.31 2.64
CA GLY A 147 -12.32 -2.18 3.02
C GLY A 147 -11.30 -1.26 3.68
N GLY A 148 -10.39 -1.82 4.47
CA GLY A 148 -9.40 -0.98 5.12
C GLY A 148 -8.58 -0.16 4.15
N VAL A 149 -7.92 0.87 4.65
CA VAL A 149 -7.08 1.71 3.81
C VAL A 149 -5.81 2.12 4.53
N GLY A 150 -4.74 2.27 3.75
CA GLY A 150 -3.45 2.71 4.26
C GLY A 150 -3.26 4.02 3.51
N ASP A 151 -3.63 5.13 4.15
CA ASP A 151 -3.54 6.43 3.50
C ASP A 151 -2.41 7.32 3.97
N ILE A 152 -1.69 7.87 3.01
CA ILE A 152 -0.59 8.78 3.29
C ILE A 152 -1.21 10.17 3.30
N VAL A 153 -1.03 10.89 4.40
CA VAL A 153 -1.59 12.23 4.57
C VAL A 153 -0.52 13.32 4.55
N TRP A 154 -0.79 14.39 3.82
CA TRP A 154 0.14 15.51 3.74
C TRP A 154 -0.31 16.69 4.59
N ALA A 155 -1.46 17.27 4.25
CA ALA A 155 -1.96 18.44 4.98
C ALA A 155 -2.52 18.09 6.35
N PRO A 156 -2.04 18.79 7.40
CA PRO A 156 -2.53 18.54 8.76
C PRO A 156 -4.06 18.65 8.86
N GLU A 157 -4.65 19.59 8.13
CA GLU A 157 -6.10 19.77 8.17
C GLU A 157 -6.82 18.56 7.58
N VAL A 158 -6.16 17.86 6.67
CA VAL A 158 -6.76 16.67 6.08
C VAL A 158 -6.74 15.57 7.14
N MET A 159 -5.63 15.48 7.89
CA MET A 159 -5.55 14.47 8.95
C MET A 159 -6.68 14.74 9.95
N ASP A 160 -6.89 16.01 10.31
CA ASP A 160 -7.94 16.35 11.25
C ASP A 160 -9.29 15.81 10.76
N ALA A 161 -9.58 16.04 9.49
CA ALA A 161 -10.84 15.59 8.89
C ALA A 161 -10.98 14.07 8.78
N LEU A 162 -9.95 13.41 8.24
CA LEU A 162 -10.02 11.96 8.06
C LEU A 162 -10.04 11.19 9.38
N LEU A 163 -9.31 11.69 10.36
CA LEU A 163 -9.25 11.05 11.65
C LEU A 163 -10.66 10.99 12.27
N ALA A 164 -11.52 11.91 11.85
CA ALA A 164 -12.89 11.97 12.37
C ALA A 164 -13.92 11.19 11.54
N ARG A 165 -13.45 10.54 10.48
CA ARG A 165 -14.34 9.75 9.64
C ARG A 165 -14.68 8.42 10.30
N GLU A 166 -15.90 8.30 10.78
CA GLU A 166 -16.34 7.08 11.46
C GLU A 166 -16.48 5.90 10.51
N ASP A 167 -16.52 6.16 9.21
CA ASP A 167 -16.68 5.11 8.22
C ASP A 167 -15.39 4.49 7.69
N LEU A 168 -14.26 5.13 8.00
CA LEU A 168 -12.95 4.62 7.56
C LEU A 168 -12.31 3.67 8.56
N SER A 169 -11.46 2.77 8.06
CA SER A 169 -10.74 1.85 8.92
C SER A 169 -9.37 1.63 8.29
N GLY A 170 -8.36 1.41 9.14
CA GLY A 170 -7.02 1.21 8.64
C GLY A 170 -6.01 2.10 9.35
N THR A 171 -5.09 2.67 8.58
CA THR A 171 -4.07 3.55 9.14
C THR A 171 -3.89 4.82 8.32
N LEU A 172 -3.74 5.94 9.00
CA LEU A 172 -3.51 7.23 8.35
C LEU A 172 -2.08 7.62 8.70
N TYR A 173 -1.19 7.56 7.71
CA TYR A 173 0.23 7.89 7.89
C TYR A 173 0.53 9.35 7.56
N PHE A 174 1.10 10.07 8.53
CA PHE A 174 1.45 11.48 8.33
C PHE A 174 2.78 11.51 7.58
N GLU A 175 2.79 12.12 6.40
CA GLU A 175 4.02 12.16 5.61
C GLU A 175 5.00 13.25 6.03
N VAL A 176 6.27 12.88 6.13
CA VAL A 176 7.32 13.83 6.50
C VAL A 176 8.35 13.86 5.39
N LEU A 177 8.75 15.06 4.98
CA LEU A 177 9.70 15.21 3.89
C LEU A 177 10.66 16.38 4.09
N ASN A 178 11.96 16.08 4.22
CA ASN A 178 12.98 17.12 4.38
C ASN A 178 14.33 16.44 4.32
N PRO A 179 15.08 16.64 3.23
CA PRO A 179 16.41 16.04 3.01
C PRO A 179 17.62 16.74 3.61
N PHE A 180 17.41 17.83 4.34
CA PHE A 180 18.50 18.60 4.96
C PHE A 180 18.84 18.14 6.38
N PRO A 181 20.00 17.49 6.56
CA PRO A 181 20.42 17.00 7.88
C PRO A 181 20.31 18.04 9.00
N ASP A 182 20.68 19.28 8.72
CA ASP A 182 20.63 20.33 9.73
C ASP A 182 19.23 20.68 10.20
N LYS A 183 18.23 20.36 9.40
CA LYS A 183 16.84 20.65 9.76
C LYS A 183 16.15 19.46 10.43
N ALA A 184 16.82 18.33 10.48
CA ALA A 184 16.24 17.13 11.07
C ALA A 184 15.62 17.27 12.46
N ASP A 185 16.37 17.79 13.41
CA ASP A 185 15.84 17.92 14.77
C ASP A 185 14.57 18.74 14.86
N GLU A 186 14.55 19.90 14.22
CA GLU A 186 13.37 20.74 14.27
C GLU A 186 12.20 20.15 13.50
N VAL A 187 12.45 19.50 12.37
CA VAL A 187 11.35 18.90 11.62
C VAL A 187 10.74 17.78 12.45
N PHE A 188 11.59 16.98 13.09
CA PHE A 188 11.12 15.87 13.92
C PHE A 188 10.25 16.40 15.06
N ALA A 189 10.73 17.43 15.74
CA ALA A 189 10.00 18.03 16.85
C ALA A 189 8.62 18.53 16.41
N ALA A 190 8.56 19.15 15.24
CA ALA A 190 7.29 19.66 14.71
C ALA A 190 6.35 18.50 14.38
N ALA A 191 6.90 17.45 13.81
CA ALA A 191 6.12 16.27 13.46
C ALA A 191 5.63 15.57 14.72
N ARG A 192 6.50 15.43 15.71
CA ARG A 192 6.13 14.78 16.97
C ARG A 192 4.96 15.50 17.63
N THR A 193 4.99 16.83 17.65
CA THR A 193 3.92 17.60 18.27
C THR A 193 2.57 17.25 17.64
N HIS A 194 2.50 17.27 16.31
CA HIS A 194 1.26 16.93 15.61
C HIS A 194 0.83 15.51 15.96
N LEU A 195 1.78 14.58 15.89
CA LEU A 195 1.51 13.18 16.19
C LEU A 195 0.98 12.96 17.60
N GLU A 196 1.58 13.63 18.58
CA GLU A 196 1.14 13.48 19.97
C GLU A 196 -0.29 13.98 20.12
N ARG A 197 -0.62 15.04 19.40
CA ARG A 197 -1.96 15.62 19.45
C ARG A 197 -2.98 14.64 18.85
N TRP A 198 -2.67 14.12 17.67
CA TRP A 198 -3.57 13.19 16.98
C TRP A 198 -3.70 11.84 17.68
N ARG A 199 -2.63 11.39 18.32
CA ARG A 199 -2.65 10.08 18.99
C ARG A 199 -3.76 10.00 20.04
N ARG A 200 -4.16 11.15 20.56
CA ARG A 200 -5.24 11.22 21.55
C ARG A 200 -6.61 11.10 20.91
N LEU A 201 -6.69 11.44 19.63
CA LEU A 201 -7.96 11.41 18.89
C LEU A 201 -8.17 10.08 18.19
N GLU A 202 -7.11 9.28 18.15
CA GLU A 202 -7.13 7.97 17.51
C GLU A 202 -8.13 7.04 18.19
N ARG A 203 -8.90 6.30 17.39
CA ARG A 203 -9.88 5.37 17.94
C ARG A 203 -9.71 3.97 17.36
N PRO A 204 -10.37 2.97 17.97
CA PRO A 204 -10.29 1.58 17.51
C PRO A 204 -10.69 1.43 16.04
N GLY A 205 -9.80 0.88 15.23
CA GLY A 205 -10.11 0.69 13.83
C GLY A 205 -9.47 1.67 12.88
N LEU A 206 -9.09 2.84 13.39
CA LEU A 206 -8.45 3.88 12.58
C LEU A 206 -7.29 4.45 13.39
N ARG A 207 -6.08 3.98 13.10
CA ARG A 207 -4.91 4.42 13.83
C ARG A 207 -3.99 5.38 13.10
N LEU A 208 -3.18 6.09 13.88
CA LEU A 208 -2.23 7.06 13.35
C LEU A 208 -0.92 6.37 13.01
N GLY A 209 -0.32 6.78 11.90
CA GLY A 209 0.95 6.21 11.48
C GLY A 209 1.92 7.30 11.06
N LEU A 210 3.09 6.89 10.60
CA LEU A 210 4.10 7.85 10.18
C LEU A 210 4.69 7.43 8.85
N SER A 211 4.95 8.40 7.99
CA SER A 211 5.51 8.05 6.69
C SER A 211 6.67 8.90 6.21
N PRO A 212 7.91 8.45 6.46
CA PRO A 212 9.09 9.19 5.99
C PRO A 212 8.94 9.01 4.47
N HIS A 213 8.87 10.11 3.73
CA HIS A 213 8.64 10.09 2.28
C HIS A 213 9.43 9.04 1.48
N THR A 214 10.74 9.23 1.37
CA THR A 214 11.60 8.32 0.63
C THR A 214 12.97 8.33 1.29
N PRO A 215 13.87 7.44 0.87
CA PRO A 215 15.21 7.44 1.47
C PRO A 215 16.06 8.63 1.04
N PHE A 216 15.63 9.34 0.00
CA PHE A 216 16.41 10.47 -0.48
C PHE A 216 15.78 11.85 -0.29
N THR A 217 14.55 11.90 0.23
CA THR A 217 13.91 13.18 0.50
C THR A 217 13.79 13.41 2.00
N VAL A 218 14.45 12.52 2.76
CA VAL A 218 14.48 12.59 4.22
C VAL A 218 15.93 12.34 4.61
N SER A 219 16.55 13.25 5.35
CA SER A 219 17.95 13.07 5.73
C SER A 219 18.11 11.83 6.60
N HIS A 220 19.31 11.25 6.61
CA HIS A 220 19.55 10.06 7.40
C HIS A 220 19.20 10.31 8.87
N ARG A 221 19.53 11.50 9.37
CA ARG A 221 19.23 11.84 10.76
C ARG A 221 17.73 11.86 11.03
N LEU A 222 16.97 12.54 10.18
CA LEU A 222 15.52 12.62 10.36
C LEU A 222 14.87 11.24 10.21
N MET A 223 15.39 10.43 9.30
CA MET A 223 14.85 9.08 9.09
C MET A 223 14.96 8.23 10.35
N ARG A 224 16.12 8.29 11.01
CA ARG A 224 16.31 7.53 12.24
C ARG A 224 15.49 8.08 13.40
N LEU A 225 15.37 9.41 13.48
CA LEU A 225 14.57 10.02 14.54
C LEU A 225 13.14 9.55 14.39
N LEU A 226 12.66 9.50 13.15
CA LEU A 226 11.30 9.09 12.88
C LEU A 226 11.07 7.60 13.14
N SER A 227 11.95 6.75 12.62
CA SER A 227 11.76 5.32 12.82
C SER A 227 11.90 4.92 14.29
N ASP A 228 12.86 5.50 14.98
CA ASP A 228 13.04 5.20 16.41
C ASP A 228 11.81 5.64 17.19
N TYR A 229 11.33 6.84 16.89
CA TYR A 229 10.15 7.37 17.57
C TYR A 229 8.96 6.44 17.36
N ALA A 230 8.69 6.11 16.10
CA ALA A 230 7.55 5.23 15.77
C ALA A 230 7.69 3.85 16.41
N ALA A 231 8.89 3.28 16.35
CA ALA A 231 9.13 1.98 16.93
C ALA A 231 8.85 2.01 18.43
N GLY A 232 9.31 3.07 19.09
CA GLY A 232 9.11 3.21 20.51
C GLY A 232 7.67 3.49 20.93
N GLU A 233 6.95 4.25 20.10
CA GLU A 233 5.56 4.60 20.39
C GLU A 233 4.55 3.63 19.82
N GLY A 234 5.02 2.66 19.04
CA GLY A 234 4.12 1.71 18.44
C GLY A 234 3.34 2.26 17.26
N LEU A 235 3.95 3.19 16.51
CA LEU A 235 3.29 3.77 15.35
C LEU A 235 3.71 3.06 14.07
N PRO A 236 2.74 2.60 13.27
CA PRO A 236 3.10 1.91 12.03
C PRO A 236 3.84 2.86 11.08
N LEU A 237 4.71 2.29 10.25
CA LEU A 237 5.50 3.08 9.31
C LEU A 237 5.31 2.60 7.87
N GLN A 238 5.42 3.54 6.94
CA GLN A 238 5.38 3.25 5.51
C GLN A 238 6.40 4.18 4.87
N ILE A 239 7.30 3.61 4.08
CA ILE A 239 8.34 4.36 3.39
C ILE A 239 8.32 3.95 1.91
N HIS A 240 8.32 4.92 1.00
CA HIS A 240 8.36 4.61 -0.43
C HIS A 240 9.81 4.28 -0.73
N VAL A 241 10.10 3.09 -1.24
CA VAL A 241 11.48 2.72 -1.51
C VAL A 241 11.73 2.08 -2.86
N ALA A 242 12.77 2.54 -3.54
CA ALA A 242 13.18 2.01 -4.84
C ALA A 242 12.06 1.96 -5.88
N GLU A 243 11.26 3.01 -5.93
CA GLU A 243 10.14 3.06 -6.87
C GLU A 243 10.57 3.11 -8.33
N HIS A 244 11.47 4.04 -8.68
CA HIS A 244 11.94 4.20 -10.05
C HIS A 244 13.40 3.71 -10.18
N PRO A 245 13.77 3.14 -11.33
CA PRO A 245 15.16 2.67 -11.48
C PRO A 245 16.23 3.72 -11.24
N THR A 246 15.92 4.99 -11.53
CA THR A 246 16.88 6.06 -11.35
C THR A 246 17.21 6.30 -9.86
N GLU A 247 16.39 5.75 -8.96
CA GLU A 247 16.65 5.89 -7.53
C GLU A 247 17.80 4.94 -7.18
N LEU A 248 17.72 3.71 -7.69
CA LEU A 248 18.76 2.73 -7.43
C LEU A 248 20.07 3.24 -8.04
N GLU A 249 19.97 3.85 -9.21
CA GLU A 249 21.15 4.37 -9.89
C GLU A 249 21.91 5.43 -9.08
N MET A 250 21.21 6.41 -8.54
CA MET A 250 21.92 7.43 -7.78
C MET A 250 22.53 6.92 -6.49
N PHE A 251 21.95 5.87 -5.89
CA PHE A 251 22.54 5.34 -4.68
C PHE A 251 23.85 4.64 -5.03
N ARG A 252 23.96 4.23 -6.29
CA ARG A 252 25.15 3.54 -6.78
C ARG A 252 26.21 4.49 -7.31
N THR A 253 25.79 5.58 -7.96
CA THR A 253 26.71 6.53 -8.56
C THR A 253 26.68 7.96 -8.02
N GLY A 254 25.62 8.31 -7.31
CA GLY A 254 25.50 9.66 -6.81
C GLY A 254 24.89 10.57 -7.87
N GLY A 255 24.61 10.00 -9.04
CA GLY A 255 24.05 10.77 -10.12
C GLY A 255 22.94 10.07 -10.90
N GLY A 256 22.81 10.38 -12.18
CA GLY A 256 21.78 9.77 -12.99
C GLY A 256 20.61 10.71 -13.22
N PRO A 257 19.67 10.34 -14.12
CA PRO A 257 18.48 11.10 -14.49
C PRO A 257 17.61 11.67 -13.36
N LEU A 258 17.56 11.01 -12.20
CA LEU A 258 16.75 11.51 -11.11
C LEU A 258 17.48 12.66 -10.43
N TRP A 259 18.60 12.34 -9.78
CA TRP A 259 19.38 13.34 -9.09
C TRP A 259 19.84 14.49 -9.98
N ASP A 260 20.39 14.17 -11.14
CA ASP A 260 20.88 15.21 -12.04
C ASP A 260 19.81 16.12 -12.64
N ASN A 261 18.54 15.79 -12.41
CA ASN A 261 17.44 16.58 -12.95
C ASN A 261 16.49 17.11 -11.88
N ARG A 262 16.93 17.08 -10.63
CA ARG A 262 16.15 17.55 -9.50
C ARG A 262 16.13 19.08 -9.48
N MET A 263 15.26 19.65 -8.65
CA MET A 263 15.21 21.09 -8.49
C MET A 263 16.21 21.31 -7.37
N PRO A 264 17.36 21.93 -7.68
CA PRO A 264 18.46 22.21 -6.74
C PRO A 264 18.14 22.80 -5.36
N ALA A 265 17.21 23.74 -5.31
CA ALA A 265 16.87 24.37 -4.05
C ALA A 265 16.16 23.45 -3.05
N LEU A 266 15.62 22.34 -3.54
CA LEU A 266 14.91 21.40 -2.66
C LEU A 266 15.77 20.36 -1.97
N TYR A 267 17.05 20.31 -2.30
CA TYR A 267 17.95 19.30 -1.72
C TYR A 267 19.35 19.83 -1.41
N PRO A 268 20.09 19.10 -0.56
CA PRO A 268 21.46 19.50 -0.24
C PRO A 268 22.19 19.33 -1.58
N HIS A 269 23.43 19.80 -1.68
CA HIS A 269 24.15 19.74 -2.94
C HIS A 269 24.55 18.34 -3.42
N THR A 270 24.64 17.37 -2.51
CA THR A 270 25.01 16.00 -2.88
C THR A 270 24.10 15.01 -2.17
N LEU A 271 23.92 13.84 -2.78
CA LEU A 271 23.09 12.81 -2.16
C LEU A 271 23.80 12.33 -0.90
N ALA A 272 25.13 12.33 -0.95
CA ALA A 272 25.92 11.90 0.20
C ALA A 272 25.56 12.69 1.44
N GLU A 273 25.27 13.98 1.27
CA GLU A 273 24.90 14.82 2.40
C GLU A 273 23.54 14.41 2.95
N VAL A 274 22.65 13.98 2.06
CA VAL A 274 21.33 13.55 2.50
C VAL A 274 21.38 12.24 3.27
N ILE A 275 22.09 11.25 2.74
CA ILE A 275 22.15 9.94 3.39
C ILE A 275 23.27 9.69 4.39
N GLY A 276 24.19 10.65 4.50
CA GLY A 276 25.26 10.53 5.48
C GLY A 276 26.38 9.56 5.13
N ARG A 277 26.46 9.18 3.87
CA ARG A 277 27.52 8.26 3.42
C ARG A 277 27.65 8.44 1.92
N GLU A 278 28.77 7.99 1.37
CA GLU A 278 29.02 8.12 -0.06
C GLU A 278 28.32 7.06 -0.90
N PRO A 279 27.70 7.45 -2.02
CA PRO A 279 27.04 6.45 -2.86
C PRO A 279 28.16 5.55 -3.38
N GLY A 280 27.82 4.31 -3.71
CA GLY A 280 28.84 3.40 -4.21
C GLY A 280 28.23 2.21 -4.95
N PRO A 281 29.03 1.49 -5.75
CA PRO A 281 28.61 0.32 -6.54
C PRO A 281 27.81 -0.73 -5.79
N ASP A 282 28.15 -0.94 -4.53
CA ASP A 282 27.50 -1.95 -3.71
C ASP A 282 26.36 -1.41 -2.84
N LEU A 283 26.00 -0.14 -3.03
CA LEU A 283 24.94 0.44 -2.22
C LEU A 283 23.59 0.45 -2.96
N THR A 284 22.52 0.35 -2.17
CA THR A 284 21.16 0.41 -2.71
C THR A 284 20.34 1.09 -1.63
N PRO A 285 19.20 1.68 -2.01
CA PRO A 285 18.40 2.33 -0.97
C PRO A 285 18.00 1.37 0.14
N VAL A 286 17.79 0.10 -0.20
CA VAL A 286 17.41 -0.88 0.82
C VAL A 286 18.57 -1.18 1.76
N ARG A 287 19.76 -1.38 1.21
CA ARG A 287 20.93 -1.64 2.05
C ARG A 287 21.16 -0.42 2.94
N TYR A 288 20.99 0.77 2.36
CA TYR A 288 21.16 2.01 3.11
C TYR A 288 20.27 2.00 4.36
N LEU A 289 18.98 1.74 4.19
CA LEU A 289 18.04 1.71 5.32
C LEU A 289 18.36 0.60 6.31
N ASP A 290 18.77 -0.54 5.79
CA ASP A 290 19.09 -1.68 6.64
C ASP A 290 20.28 -1.37 7.55
N GLU A 291 21.35 -0.83 6.96
CA GLU A 291 22.54 -0.50 7.75
C GLU A 291 22.33 0.72 8.63
N LEU A 292 21.36 1.55 8.26
CA LEU A 292 21.05 2.73 9.05
C LEU A 292 20.30 2.32 10.30
N GLY A 293 19.78 1.09 10.29
CA GLY A 293 19.04 0.57 11.44
C GLY A 293 17.56 0.88 11.38
N VAL A 294 17.10 1.39 10.23
CA VAL A 294 15.69 1.73 10.07
C VAL A 294 14.81 0.50 9.87
N LEU A 295 15.32 -0.54 9.23
CA LEU A 295 14.51 -1.74 9.00
C LEU A 295 14.22 -2.47 10.30
N ALA A 296 14.96 -2.11 11.35
CA ALA A 296 14.77 -2.73 12.67
C ALA A 296 13.37 -2.44 13.19
N ALA A 297 12.79 -1.32 12.77
CA ALA A 297 11.45 -0.93 13.19
C ALA A 297 10.37 -1.64 12.39
N ARG A 298 10.78 -2.53 11.48
CA ARG A 298 9.86 -3.28 10.62
C ARG A 298 8.89 -2.39 9.85
N PRO A 299 9.38 -1.31 9.22
CA PRO A 299 8.48 -0.44 8.47
C PRO A 299 7.98 -1.15 7.23
N THR A 300 6.78 -0.78 6.78
CA THR A 300 6.24 -1.36 5.56
C THR A 300 6.88 -0.57 4.41
N LEU A 301 7.46 -1.29 3.45
CA LEU A 301 8.12 -0.65 2.33
C LEU A 301 7.22 -0.66 1.09
N VAL A 302 7.03 0.52 0.52
CA VAL A 302 6.15 0.67 -0.65
C VAL A 302 6.88 0.73 -2.00
N HIS A 303 6.27 0.08 -2.99
CA HIS A 303 6.77 -0.01 -4.36
C HIS A 303 7.86 -1.08 -4.46
N MET A 304 9.06 -0.76 -4.00
CA MET A 304 10.14 -1.75 -3.99
C MET A 304 10.31 -2.47 -5.32
N VAL A 305 10.31 -1.70 -6.41
CA VAL A 305 10.43 -2.28 -7.73
C VAL A 305 11.87 -2.53 -8.14
N ASN A 306 12.73 -1.57 -7.87
CA ASN A 306 14.12 -1.69 -8.27
C ASN A 306 15.04 -2.10 -7.13
N VAL A 307 15.01 -3.40 -6.82
CA VAL A 307 15.80 -3.97 -5.75
C VAL A 307 16.61 -5.16 -6.27
N THR A 308 17.58 -5.58 -5.47
CA THR A 308 18.44 -6.70 -5.85
C THR A 308 18.09 -7.92 -5.01
N PRO A 309 18.67 -9.08 -5.36
CA PRO A 309 18.37 -10.28 -4.58
C PRO A 309 18.78 -10.05 -3.13
N ASP A 310 19.92 -9.40 -2.93
CA ASP A 310 20.39 -9.13 -1.57
C ASP A 310 19.40 -8.20 -0.86
N ASP A 311 18.85 -7.22 -1.57
CA ASP A 311 17.88 -6.32 -0.94
C ASP A 311 16.71 -7.16 -0.42
N ILE A 312 16.22 -8.06 -1.25
CA ILE A 312 15.10 -8.92 -0.87
C ILE A 312 15.42 -9.73 0.39
N ALA A 313 16.64 -10.26 0.47
CA ALA A 313 17.07 -11.03 1.62
C ALA A 313 17.06 -10.16 2.89
N ARG A 314 17.49 -8.91 2.75
CA ARG A 314 17.53 -7.99 3.90
C ARG A 314 16.10 -7.70 4.38
N VAL A 315 15.19 -7.52 3.44
CA VAL A 315 13.79 -7.25 3.77
C VAL A 315 13.16 -8.43 4.50
N ALA A 316 13.43 -9.63 3.99
CA ALA A 316 12.90 -10.85 4.59
C ALA A 316 13.42 -11.03 6.02
N ARG A 317 14.71 -10.80 6.21
CA ARG A 317 15.33 -10.94 7.53
C ARG A 317 14.72 -9.99 8.54
N ALA A 318 14.45 -8.76 8.12
CA ALA A 318 13.88 -7.75 8.99
C ALA A 318 12.41 -7.98 9.32
N GLY A 319 11.73 -8.76 8.48
CA GLY A 319 10.32 -9.03 8.70
C GLY A 319 9.43 -7.89 8.25
N CYS A 320 9.90 -7.12 7.27
CA CYS A 320 9.13 -6.00 6.74
C CYS A 320 8.10 -6.47 5.72
N ALA A 321 6.94 -5.84 5.72
CA ALA A 321 5.90 -6.18 4.75
C ALA A 321 6.11 -5.17 3.62
N VAL A 322 5.62 -5.49 2.42
CA VAL A 322 5.76 -4.57 1.29
C VAL A 322 4.42 -4.37 0.60
N VAL A 323 4.21 -3.17 0.07
CA VAL A 323 2.97 -2.88 -0.66
C VAL A 323 3.32 -2.58 -2.11
N THR A 324 2.67 -3.28 -3.03
CA THR A 324 2.92 -3.04 -4.44
C THR A 324 1.68 -2.36 -5.04
N CYS A 325 1.90 -1.42 -5.96
CA CYS A 325 0.84 -0.67 -6.63
C CYS A 325 1.05 -0.90 -8.14
N PRO A 326 0.53 -2.02 -8.67
CA PRO A 326 0.67 -2.41 -10.08
C PRO A 326 0.44 -1.33 -11.14
N ARG A 327 -0.78 -0.82 -11.24
CA ARG A 327 -1.05 0.18 -12.27
C ARG A 327 -0.18 1.41 -12.14
N SER A 328 0.00 1.91 -10.93
CA SER A 328 0.84 3.08 -10.72
C SER A 328 2.25 2.86 -11.27
N ASN A 329 2.85 1.71 -10.97
CA ASN A 329 4.20 1.44 -11.46
C ASN A 329 4.25 1.44 -12.98
N HIS A 330 3.20 0.92 -13.60
CA HIS A 330 3.15 0.86 -15.05
C HIS A 330 3.06 2.27 -15.65
N HIS A 331 2.12 3.07 -15.17
CA HIS A 331 1.96 4.42 -15.69
C HIS A 331 3.15 5.34 -15.45
N LEU A 332 3.90 5.09 -14.38
CA LEU A 332 5.06 5.91 -14.08
C LEU A 332 6.34 5.32 -14.67
N GLU A 333 6.18 4.26 -15.46
CA GLU A 333 7.30 3.58 -16.12
C GLU A 333 8.42 3.26 -15.14
N CYS A 334 8.05 2.70 -14.00
CA CYS A 334 9.01 2.36 -12.96
C CYS A 334 9.59 0.96 -13.07
N GLY A 335 9.02 0.15 -13.95
CA GLY A 335 9.46 -1.22 -14.05
C GLY A 335 8.40 -2.05 -13.35
N THR A 336 8.66 -3.34 -13.17
CA THR A 336 7.67 -4.20 -12.53
C THR A 336 8.14 -4.87 -11.25
N PHE A 337 7.34 -4.75 -10.20
CA PHE A 337 7.62 -5.36 -8.89
C PHE A 337 7.79 -6.86 -9.10
N ASP A 338 8.87 -7.42 -8.58
CA ASP A 338 9.11 -8.86 -8.73
C ASP A 338 8.35 -9.63 -7.65
N TRP A 339 7.05 -9.77 -7.83
CA TRP A 339 6.25 -10.47 -6.83
C TRP A 339 6.74 -11.90 -6.61
N PRO A 340 6.96 -12.66 -7.69
CA PRO A 340 7.43 -14.04 -7.45
C PRO A 340 8.68 -14.14 -6.59
N ALA A 341 9.62 -13.20 -6.76
CA ALA A 341 10.85 -13.21 -5.98
C ALA A 341 10.55 -12.93 -4.51
N PHE A 342 9.68 -11.96 -4.25
CA PHE A 342 9.31 -11.61 -2.88
C PHE A 342 8.53 -12.73 -2.22
N ALA A 343 7.64 -13.36 -2.99
CA ALA A 343 6.83 -14.46 -2.48
C ALA A 343 7.74 -15.63 -2.08
N ALA A 344 8.68 -15.95 -2.96
CA ALA A 344 9.62 -17.04 -2.70
C ALA A 344 10.45 -16.77 -1.45
N ALA A 345 10.76 -15.50 -1.19
CA ALA A 345 11.54 -15.12 -0.02
C ALA A 345 10.70 -15.09 1.25
N GLY A 346 9.39 -15.27 1.08
CA GLY A 346 8.50 -15.30 2.22
C GLY A 346 8.11 -13.94 2.77
N VAL A 347 8.23 -12.90 1.95
CA VAL A 347 7.89 -11.55 2.36
C VAL A 347 6.39 -11.31 2.18
N GLU A 348 5.75 -10.76 3.20
CA GLU A 348 4.32 -10.47 3.16
C GLU A 348 4.07 -9.33 2.16
N VAL A 349 3.20 -9.57 1.19
CA VAL A 349 2.89 -8.57 0.17
C VAL A 349 1.44 -8.12 0.26
N ALA A 350 1.24 -6.82 0.14
CA ALA A 350 -0.10 -6.22 0.17
C ALA A 350 -0.28 -5.41 -1.11
N LEU A 351 -1.52 -5.09 -1.43
CA LEU A 351 -1.81 -4.31 -2.63
C LEU A 351 -2.36 -2.93 -2.35
N GLY A 352 -1.97 -1.98 -3.20
CA GLY A 352 -2.42 -0.61 -3.08
C GLY A 352 -2.65 -0.10 -4.49
N THR A 353 -3.33 1.03 -4.63
CA THR A 353 -3.59 1.61 -5.95
C THR A 353 -2.74 2.86 -6.11
N ASP A 354 -2.21 3.35 -5.00
CA ASP A 354 -1.43 4.59 -4.98
C ASP A 354 -2.50 5.66 -5.22
N SER A 355 -2.14 6.93 -5.32
CA SER A 355 -3.14 7.97 -5.55
C SER A 355 -3.72 7.76 -6.96
N VAL A 356 -4.88 8.36 -7.24
CA VAL A 356 -5.49 8.20 -8.56
C VAL A 356 -4.71 8.91 -9.67
N ALA A 357 -3.77 9.77 -9.29
CA ALA A 357 -2.98 10.47 -10.29
C ALA A 357 -2.24 9.47 -11.15
N SER A 358 -1.75 8.39 -10.54
CA SER A 358 -1.00 7.38 -11.27
C SER A 358 -1.65 5.99 -11.23
N GLY A 359 -2.56 5.78 -10.29
CA GLY A 359 -3.21 4.49 -10.17
C GLY A 359 -4.58 4.34 -10.80
N GLU A 360 -5.07 5.39 -11.45
CA GLU A 360 -6.38 5.36 -12.11
C GLU A 360 -7.57 5.44 -11.15
N THR A 361 -7.72 4.44 -10.29
CA THR A 361 -8.82 4.41 -9.33
C THR A 361 -8.38 3.90 -7.96
N LEU A 362 -9.27 4.03 -6.98
CA LEU A 362 -9.00 3.58 -5.61
C LEU A 362 -9.49 2.16 -5.38
N ASN A 363 -9.89 1.49 -6.45
CA ASN A 363 -10.42 0.13 -6.39
C ASN A 363 -9.36 -0.94 -6.55
N VAL A 364 -8.93 -1.55 -5.45
CA VAL A 364 -7.91 -2.60 -5.48
C VAL A 364 -8.31 -3.84 -6.28
N ARG A 365 -9.60 -4.06 -6.48
CA ARG A 365 -10.04 -5.22 -7.26
C ARG A 365 -9.41 -5.13 -8.64
N GLU A 366 -9.22 -3.90 -9.11
CA GLU A 366 -8.64 -3.67 -10.42
C GLU A 366 -7.13 -3.93 -10.44
N GLU A 367 -6.49 -3.83 -9.28
CA GLU A 367 -5.06 -4.09 -9.20
C GLU A 367 -4.85 -5.59 -9.25
N VAL A 368 -5.81 -6.34 -8.72
CA VAL A 368 -5.73 -7.80 -8.73
C VAL A 368 -5.76 -8.27 -10.18
N THR A 369 -6.68 -7.70 -10.94
CA THR A 369 -6.80 -8.05 -12.36
C THR A 369 -5.51 -7.72 -13.08
N PHE A 370 -4.97 -6.53 -12.83
CA PHE A 370 -3.73 -6.10 -13.47
C PHE A 370 -2.57 -7.01 -13.07
N ALA A 371 -2.51 -7.37 -11.79
CA ALA A 371 -1.44 -8.22 -11.29
C ALA A 371 -1.50 -9.62 -11.91
N ARG A 372 -2.71 -10.10 -12.18
CA ARG A 372 -2.84 -11.42 -12.80
C ARG A 372 -2.13 -11.41 -14.15
N GLN A 373 -2.25 -10.29 -14.85
CA GLN A 373 -1.63 -10.16 -16.15
C GLN A 373 -0.11 -10.01 -16.04
N LEU A 374 0.35 -9.31 -15.01
CA LEU A 374 1.78 -9.12 -14.80
C LEU A 374 2.51 -10.41 -14.42
N TYR A 375 1.85 -11.25 -13.64
CA TYR A 375 2.47 -12.48 -13.17
C TYR A 375 1.75 -13.75 -13.60
N PRO A 376 1.90 -14.13 -14.87
CA PRO A 376 1.26 -15.34 -15.41
C PRO A 376 1.54 -16.63 -14.67
N GLY A 377 2.75 -16.75 -14.13
CA GLY A 377 3.10 -17.97 -13.41
C GLY A 377 2.72 -17.95 -11.94
N LEU A 378 2.34 -16.78 -11.44
CA LEU A 378 1.97 -16.64 -10.03
C LEU A 378 0.55 -17.14 -9.76
N ASP A 379 0.42 -17.96 -8.72
CA ASP A 379 -0.88 -18.50 -8.35
C ASP A 379 -1.86 -17.38 -7.98
N PRO A 380 -2.98 -17.27 -8.73
CA PRO A 380 -4.00 -16.25 -8.50
C PRO A 380 -4.47 -16.16 -7.05
N ARG A 381 -4.41 -17.28 -6.34
CA ARG A 381 -4.82 -17.32 -4.93
C ARG A 381 -3.94 -16.39 -4.11
N VAL A 382 -2.68 -16.27 -4.51
CA VAL A 382 -1.74 -15.41 -3.81
C VAL A 382 -2.15 -13.94 -3.95
N LEU A 383 -2.66 -13.57 -5.12
CA LEU A 383 -3.08 -12.20 -5.39
C LEU A 383 -4.27 -11.80 -4.53
N VAL A 384 -5.28 -12.67 -4.47
CA VAL A 384 -6.46 -12.38 -3.67
C VAL A 384 -6.15 -12.33 -2.18
N ARG A 385 -5.37 -13.29 -1.70
CA ARG A 385 -5.02 -13.30 -0.28
C ARG A 385 -4.28 -12.01 0.06
N ALA A 386 -3.39 -11.58 -0.83
CA ALA A 386 -2.64 -10.35 -0.60
C ALA A 386 -3.57 -9.14 -0.53
N ALA A 387 -4.51 -9.06 -1.46
CA ALA A 387 -5.43 -7.94 -1.50
C ALA A 387 -6.24 -7.81 -0.21
N VAL A 388 -6.64 -8.94 0.34
CA VAL A 388 -7.45 -8.93 1.55
C VAL A 388 -6.65 -9.09 2.86
N LYS A 389 -6.05 -10.25 3.05
CA LYS A 389 -5.30 -10.49 4.28
C LYS A 389 -4.00 -9.71 4.36
N GLY A 390 -3.25 -9.68 3.26
CA GLY A 390 -2.00 -8.95 3.24
C GLY A 390 -2.22 -7.50 3.67
N GLY A 391 -3.19 -6.85 3.04
CA GLY A 391 -3.48 -5.47 3.36
C GLY A 391 -3.94 -5.25 4.78
N GLN A 392 -4.78 -6.16 5.28
CA GLN A 392 -5.29 -6.06 6.63
C GLN A 392 -4.12 -6.10 7.63
N ARG A 393 -3.14 -6.94 7.35
CA ARG A 393 -2.00 -7.05 8.25
C ARG A 393 -1.18 -5.75 8.26
N VAL A 394 -1.11 -5.09 7.12
CA VAL A 394 -0.38 -3.84 7.00
C VAL A 394 -1.09 -2.65 7.64
N VAL A 395 -2.38 -2.49 7.33
CA VAL A 395 -3.13 -1.35 7.86
C VAL A 395 -3.89 -1.59 9.15
N GLY A 396 -3.99 -2.85 9.56
CA GLY A 396 -4.71 -3.18 10.77
C GLY A 396 -6.20 -2.99 10.62
N THR A 399 -10.98 -8.09 9.15
CA THR A 399 -11.37 -8.78 7.91
C THR A 399 -12.61 -9.64 8.11
N PRO A 400 -13.74 -9.28 7.49
CA PRO A 400 -14.96 -10.07 7.63
C PRO A 400 -14.66 -11.54 7.34
N PHE A 401 -15.38 -12.43 8.00
CA PHE A 401 -15.18 -13.86 7.79
C PHE A 401 -16.31 -14.40 6.92
N LEU A 402 -15.98 -15.32 6.04
CA LEU A 402 -16.95 -15.91 5.15
C LEU A 402 -17.03 -17.40 5.48
N ARG A 403 -17.96 -17.75 6.37
CA ARG A 403 -18.13 -19.14 6.78
C ARG A 403 -19.54 -19.43 7.27
N ARG A 404 -19.82 -20.71 7.53
CA ARG A 404 -21.13 -21.15 8.01
C ARG A 404 -21.69 -20.23 9.10
N GLY A 405 -22.93 -19.81 8.91
CA GLY A 405 -23.57 -18.94 9.89
C GLY A 405 -23.49 -17.46 9.60
N GLU A 406 -22.46 -17.04 8.87
CA GLU A 406 -22.30 -15.63 8.54
C GLU A 406 -23.32 -15.20 7.50
N THR A 407 -23.74 -13.93 7.59
CA THR A 407 -24.71 -13.38 6.64
C THR A 407 -24.02 -13.24 5.28
N TRP A 408 -24.61 -13.80 4.24
CA TRP A 408 -24.04 -13.69 2.90
C TRP A 408 -24.22 -12.25 2.43
N GLN A 409 -23.12 -11.59 2.07
CA GLN A 409 -23.19 -10.21 1.61
C GLN A 409 -22.79 -10.08 0.16
N GLU A 410 -23.53 -9.25 -0.58
CA GLU A 410 -23.24 -9.04 -1.99
C GLU A 410 -21.85 -8.46 -2.14
N GLY A 411 -21.35 -7.83 -1.08
CA GLY A 411 -20.02 -7.25 -1.11
C GLY A 411 -18.92 -8.28 -1.28
N PHE A 412 -19.23 -9.55 -1.05
CA PHE A 412 -18.25 -10.63 -1.17
C PHE A 412 -18.11 -11.07 -2.62
N ARG A 413 -19.08 -10.71 -3.43
CA ARG A 413 -19.09 -11.09 -4.84
C ARG A 413 -18.52 -9.90 -5.64
N TRP A 414 -17.20 -9.93 -5.86
CA TRP A 414 -16.52 -8.84 -6.57
C TRP A 414 -17.07 -8.44 -7.93
N GLU A 415 -17.63 -9.38 -8.68
CA GLU A 415 -18.16 -9.06 -10.00
C GLU A 415 -19.31 -8.05 -9.97
N LEU A 416 -19.86 -7.81 -8.77
CA LEU A 416 -20.99 -6.89 -8.62
C LEU A 416 -20.60 -5.53 -8.03
N SER A 417 -19.30 -5.30 -7.88
CA SER A 417 -18.80 -4.06 -7.29
C SER A 417 -19.20 -2.80 -8.04
N ARG A 418 -19.68 -1.81 -7.29
CA ARG A 418 -20.10 -0.51 -7.85
C ARG A 418 -19.36 0.59 -7.08
N ASP A 419 -18.86 1.60 -7.79
CA ASP A 419 -18.18 2.70 -7.14
C ASP A 419 -19.11 3.91 -7.01
N LEU A 420 -20.40 3.68 -7.20
CA LEU A 420 -21.40 4.74 -7.09
C LEU A 420 -22.60 4.24 -6.29
ZN ZN B . 2.72 6.88 -2.11
#